data_1C0F
#
_entry.id   1C0F
#
_cell.length_a   57.000
_cell.length_b   69.550
_cell.length_c   184.620
_cell.angle_alpha   90.00
_cell.angle_beta   90.00
_cell.angle_gamma   90.00
#
_symmetry.space_group_name_H-M   'P 21 21 21'
#
loop_
_entity.id
_entity.type
_entity.pdbx_description
1 polymer 'GELSOLIN SEGMENT 1'
2 polymer ACTIN
3 non-polymer 'CALCIUM ION'
4 non-polymer "ADENOSINE-5'-TRIPHOSPHATE"
5 water water
#
loop_
_entity_poly.entity_id
_entity_poly.type
_entity_poly.pdbx_seq_one_letter_code
_entity_poly.pdbx_strand_id
1 'polypeptide(L)'
;MGSVVEHPEFLKAGKEPGLQIWRVEKFDLVPVPTCLYGDFFTGDAYVILKTVQLRNGNLQYDLHYWLGNECSQDESGAAA
IFTVQLDDYLNGRAVQHREVQGFESATFLGYFKSGLKYKKGGVASGF
;
S
2 'polypeptide(L)'
;DGEDVQALVIDNGSGMCKAGFAGDDAPRAVFPSIVGRPRHTGKDSYVGDEAQSKRGILTLKYPIE(HIC)GIVTNWDDME
KIWHHTFYNELRVAPEEHPVLLTEAPLNPKANREKMTQIMFETFNTPAMYVAIQAVLSLYASGRTTGIVMDSGDGVSHTV
PIYEGYALPHAILRLDLAGRDLTDYMMKILTERGYSFTTTAEREIVRDIKEKLAYVALDFEAEMQTAASSSALEKSYELP
DGQVITIGNERFRCPEALFQPSFLGMESAGIHETTYNSIMKCDVDIRKDLYGNVVLSGGTTMFPGIADRMNKELTALAPS
TMKIKIIAPPERKYSVWIGGSILASLSTFQQMWISKEEYDESGPSIVHRKCF
;
A
#
# COMPACT_ATOMS: atom_id res chain seq x y z
N MET A 1 -13.19 16.29 17.02
CA MET A 1 -14.25 16.80 16.16
C MET A 1 -14.00 18.20 15.63
N GLY A 2 -13.23 18.20 14.22
CA GLY A 2 -13.00 18.17 12.78
C GLY A 2 -11.57 17.82 12.43
N SER A 3 -11.33 17.73 11.13
CA SER A 3 -9.99 17.41 10.60
C SER A 3 -9.59 18.50 9.63
N VAL A 4 -9.48 19.74 10.15
CA VAL A 4 -9.23 20.86 9.26
C VAL A 4 -7.78 21.33 9.28
N VAL A 5 -7.16 21.29 8.10
CA VAL A 5 -5.80 21.77 7.93
C VAL A 5 -5.76 23.26 8.31
N GLU A 6 -4.81 23.58 9.18
CA GLU A 6 -4.54 24.89 9.70
C GLU A 6 -3.22 25.44 9.14
N HIS A 7 -2.65 24.73 8.18
CA HIS A 7 -1.44 25.14 7.49
C HIS A 7 -1.71 26.50 6.83
N PRO A 8 -0.89 27.48 7.14
CA PRO A 8 -1.01 28.82 6.60
C PRO A 8 -1.24 28.86 5.09
N GLU A 9 -0.63 27.89 4.37
CA GLU A 9 -0.72 27.93 2.93
C GLU A 9 -2.09 27.58 2.41
N PHE A 10 -2.80 26.79 3.19
CA PHE A 10 -4.17 26.43 2.80
C PHE A 10 -5.05 27.66 2.88
N LEU A 11 -4.80 28.48 3.91
CA LEU A 11 -5.62 29.70 4.01
C LEU A 11 -5.40 30.59 2.81
N LYS A 12 -4.18 30.65 2.26
CA LYS A 12 -3.94 31.50 1.11
C LYS A 12 -4.43 30.91 -0.20
N ALA A 13 -4.66 29.60 -0.28
CA ALA A 13 -4.99 28.98 -1.55
C ALA A 13 -6.28 29.33 -2.23
N GLY A 14 -6.29 29.54 -3.55
CA GLY A 14 -7.48 29.73 -4.33
C GLY A 14 -8.36 30.91 -3.94
N LYS A 15 -7.85 31.90 -3.27
CA LYS A 15 -8.61 33.08 -2.89
C LYS A 15 -8.93 33.94 -4.10
N GLU A 16 -8.02 33.94 -5.08
CA GLU A 16 -8.23 34.78 -6.26
C GLU A 16 -7.70 34.12 -7.50
N PRO A 17 -8.21 34.55 -8.65
CA PRO A 17 -7.77 34.00 -9.94
C PRO A 17 -6.26 34.11 -10.07
N GLY A 18 -5.64 33.10 -10.70
CA GLY A 18 -4.17 33.14 -10.83
C GLY A 18 -3.55 31.75 -10.67
N LEU A 19 -2.24 31.80 -10.51
CA LEU A 19 -1.43 30.61 -10.39
C LEU A 19 -0.71 30.59 -9.06
N GLN A 20 -0.78 29.51 -8.31
CA GLN A 20 0.01 29.41 -7.08
C GLN A 20 0.87 28.15 -7.14
N ILE A 21 2.14 28.26 -6.72
CA ILE A 21 3.03 27.11 -6.82
C ILE A 21 3.74 26.94 -5.48
N TRP A 22 3.76 25.68 -5.07
CA TRP A 22 4.43 25.31 -3.83
C TRP A 22 5.37 24.14 -4.14
N ARG A 23 6.42 24.05 -3.35
CA ARG A 23 7.35 22.96 -3.48
C ARG A 23 7.25 22.10 -2.21
N VAL A 24 7.30 20.78 -2.41
CA VAL A 24 7.36 19.86 -1.27
C VAL A 24 8.80 20.02 -0.72
N GLU A 25 8.94 20.40 0.54
CA GLU A 25 10.24 20.51 1.14
C GLU A 25 10.26 19.78 2.48
N LYS A 26 10.85 18.61 2.52
CA LYS A 26 10.90 17.84 3.77
C LYS A 26 9.57 17.68 4.48
N PHE A 27 8.58 17.11 3.80
CA PHE A 27 7.26 16.84 4.35
C PHE A 27 6.43 18.08 4.61
N ASP A 28 6.80 19.22 4.03
CA ASP A 28 6.01 20.44 4.20
C ASP A 28 5.64 21.03 2.84
N LEU A 29 4.58 21.84 2.78
CA LEU A 29 4.20 22.53 1.54
C LEU A 29 4.77 23.93 1.59
N VAL A 30 5.70 24.32 0.73
CA VAL A 30 6.37 25.63 0.88
C VAL A 30 6.19 26.46 -0.36
N PRO A 31 5.82 27.73 -0.27
CA PRO A 31 5.62 28.53 -1.45
C PRO A 31 6.88 28.71 -2.29
N VAL A 32 6.71 28.71 -3.63
CA VAL A 32 7.81 29.08 -4.51
C VAL A 32 7.77 30.59 -4.69
N PRO A 33 8.92 31.25 -4.59
CA PRO A 33 9.00 32.69 -4.87
C PRO A 33 8.50 32.92 -6.30
N THR A 34 7.51 33.76 -6.47
CA THR A 34 6.84 34.01 -7.73
C THR A 34 7.79 34.43 -8.84
N CYS A 35 8.92 35.01 -8.53
CA CYS A 35 9.86 35.31 -9.63
C CYS A 35 10.46 34.01 -10.16
N LEU A 36 10.29 32.91 -9.45
CA LEU A 36 10.85 31.62 -9.88
C LEU A 36 9.82 30.69 -10.50
N TYR A 37 8.58 31.15 -10.70
CA TYR A 37 7.58 30.30 -11.33
C TYR A 37 8.04 29.79 -12.68
N GLY A 38 7.94 28.48 -12.89
CA GLY A 38 8.25 27.91 -14.19
C GLY A 38 9.62 27.24 -14.26
N ASP A 39 10.46 27.49 -13.27
CA ASP A 39 11.77 26.83 -13.23
C ASP A 39 11.61 25.68 -12.25
N PHE A 40 11.50 24.46 -12.75
CA PHE A 40 11.31 23.30 -11.93
C PHE A 40 12.57 22.47 -11.74
N PHE A 41 12.90 22.26 -10.47
CA PHE A 41 13.96 21.36 -10.04
C PHE A 41 13.54 19.92 -10.31
N THR A 42 14.29 19.25 -11.18
CA THR A 42 13.94 17.88 -11.55
C THR A 42 14.17 16.94 -10.38
N GLY A 43 14.88 17.40 -9.35
CA GLY A 43 15.08 16.52 -8.19
C GLY A 43 13.93 16.73 -7.20
N ASP A 44 12.89 17.46 -7.59
CA ASP A 44 11.80 17.77 -6.66
C ASP A 44 10.41 17.52 -7.15
N ALA A 45 9.46 17.65 -6.20
CA ALA A 45 8.04 17.47 -6.55
C ALA A 45 7.34 18.79 -6.18
N TYR A 46 6.31 19.16 -6.90
CA TYR A 46 5.63 20.42 -6.66
C TYR A 46 4.12 20.27 -6.73
N VAL A 47 3.41 21.30 -6.30
CA VAL A 47 1.96 21.32 -6.29
C VAL A 47 1.58 22.67 -6.86
N ILE A 48 0.73 22.65 -7.86
CA ILE A 48 0.34 23.86 -8.57
C ILE A 48 -1.18 24.01 -8.51
N LEU A 49 -1.69 25.20 -8.19
CA LEU A 49 -3.13 25.45 -8.20
C LEU A 49 -3.40 26.59 -9.18
N LYS A 50 -4.16 26.28 -10.22
CA LYS A 50 -4.65 27.22 -11.19
C LYS A 50 -6.10 27.64 -10.83
N THR A 51 -6.32 28.89 -10.47
CA THR A 51 -7.65 29.41 -10.10
C THR A 51 -8.17 30.27 -11.25
N VAL A 52 -9.29 29.88 -11.84
CA VAL A 52 -9.93 30.64 -12.91
C VAL A 52 -11.24 31.27 -12.40
N GLN A 53 -11.47 32.53 -12.80
CA GLN A 53 -12.67 33.26 -12.41
C GLN A 53 -13.87 32.85 -13.24
N LEU A 54 -14.93 32.48 -12.52
CA LEU A 54 -16.20 32.18 -13.15
C LEU A 54 -17.26 33.29 -12.93
N ARG A 55 -18.03 33.54 -13.99
CA ARG A 55 -19.16 34.45 -14.09
C ARG A 55 -19.92 34.47 -12.76
N ASN A 56 -20.09 33.25 -12.24
CA ASN A 56 -20.86 33.08 -11.03
C ASN A 56 -20.34 33.77 -9.79
N GLY A 57 -19.12 34.27 -9.85
CA GLY A 57 -18.48 34.93 -8.70
C GLY A 57 -17.54 33.91 -8.05
N ASN A 58 -17.78 32.62 -8.34
CA ASN A 58 -16.94 31.57 -7.78
C ASN A 58 -15.75 31.25 -8.70
N LEU A 59 -14.80 30.58 -8.09
CA LEU A 59 -13.54 30.20 -8.72
C LEU A 59 -13.51 28.73 -9.12
N GLN A 60 -12.96 28.43 -10.27
CA GLN A 60 -12.73 27.09 -10.80
C GLN A 60 -11.29 26.70 -10.42
N TYR A 61 -11.08 25.46 -9.98
CA TYR A 61 -9.79 25.00 -9.54
C TYR A 61 -9.23 23.77 -10.26
N ASP A 62 -7.95 23.85 -10.65
CA ASP A 62 -7.26 22.70 -11.25
C ASP A 62 -5.98 22.54 -10.44
N LEU A 63 -5.87 21.37 -9.84
CA LEU A 63 -4.70 21.16 -8.95
C LEU A 63 -3.75 20.23 -9.70
N HIS A 64 -2.49 20.62 -9.78
CA HIS A 64 -1.56 19.75 -10.52
C HIS A 64 -0.38 19.41 -9.62
N TYR A 65 0.00 18.16 -9.53
CA TYR A 65 1.20 17.80 -8.77
C TYR A 65 2.21 17.31 -9.83
N TRP A 66 3.34 18.00 -9.79
CA TRP A 66 4.41 17.81 -10.77
C TRP A 66 5.54 16.99 -10.16
N LEU A 67 5.90 15.91 -10.86
CA LEU A 67 6.94 15.01 -10.34
C LEU A 67 8.24 15.01 -11.17
N GLY A 68 9.33 15.51 -10.60
CA GLY A 68 10.64 15.52 -11.26
C GLY A 68 11.29 14.16 -11.35
N ASN A 69 12.06 13.92 -12.41
CA ASN A 69 12.67 12.62 -12.69
C ASN A 69 13.49 12.10 -11.53
N GLU A 70 14.07 12.97 -10.74
CA GLU A 70 14.89 12.49 -9.62
C GLU A 70 14.28 12.77 -8.26
N CYS A 71 13.00 13.17 -8.18
CA CYS A 71 12.44 13.42 -6.84
C CYS A 71 12.40 12.11 -6.08
N SER A 72 12.62 12.20 -4.77
CA SER A 72 12.59 11.01 -3.92
C SER A 72 11.13 10.62 -3.63
N GLN A 73 10.85 9.39 -3.20
CA GLN A 73 9.57 8.84 -2.91
C GLN A 73 8.73 9.64 -1.91
N ASP A 74 9.33 10.20 -0.88
CA ASP A 74 8.66 11.02 0.11
C ASP A 74 8.08 12.28 -0.53
N GLU A 75 8.80 12.84 -1.51
CA GLU A 75 8.36 14.02 -2.21
C GLU A 75 7.16 13.73 -3.13
N SER A 76 7.18 12.65 -3.93
CA SER A 76 6.09 12.37 -4.84
C SER A 76 4.86 11.89 -4.07
N GLY A 77 5.11 11.10 -3.03
CA GLY A 77 4.00 10.69 -2.15
C GLY A 77 3.44 11.91 -1.43
N ALA A 78 4.26 12.83 -0.89
CA ALA A 78 3.71 14.04 -0.28
C ALA A 78 3.01 14.96 -1.29
N ALA A 79 3.53 15.21 -2.49
CA ALA A 79 2.78 16.03 -3.46
C ALA A 79 1.35 15.49 -3.69
N ALA A 80 1.24 14.20 -3.89
CA ALA A 80 -0.03 13.55 -4.10
C ALA A 80 -0.98 13.77 -2.93
N ILE A 81 -0.52 13.53 -1.70
CA ILE A 81 -1.35 13.67 -0.52
C ILE A 81 -1.71 15.15 -0.33
N PHE A 82 -0.76 16.07 -0.41
CA PHE A 82 -1.08 17.48 -0.27
C PHE A 82 -2.18 17.86 -1.28
N THR A 83 -2.16 17.25 -2.45
CA THR A 83 -3.14 17.56 -3.47
C THR A 83 -4.51 17.13 -2.96
N VAL A 84 -4.55 15.92 -2.41
CA VAL A 84 -5.83 15.47 -1.87
C VAL A 84 -6.33 16.39 -0.76
N GLN A 85 -5.42 16.81 0.11
CA GLN A 85 -5.83 17.65 1.23
C GLN A 85 -6.30 19.02 0.74
N LEU A 86 -5.63 19.62 -0.23
CA LEU A 86 -6.04 20.93 -0.73
C LEU A 86 -7.40 20.84 -1.42
N ASP A 87 -7.61 19.82 -2.23
CA ASP A 87 -8.89 19.61 -2.86
C ASP A 87 -9.99 19.50 -1.78
N ASP A 88 -9.79 18.70 -0.74
CA ASP A 88 -10.74 18.54 0.34
C ASP A 88 -11.09 19.86 1.04
N TYR A 89 -10.03 20.62 1.32
CA TYR A 89 -10.11 21.91 1.97
C TYR A 89 -10.97 22.84 1.09
N LEU A 90 -10.72 22.76 -0.22
CA LEU A 90 -11.54 23.51 -1.17
C LEU A 90 -12.87 22.81 -1.43
N ASN A 91 -13.44 22.02 -0.52
CA ASN A 91 -14.75 21.39 -0.75
C ASN A 91 -14.81 20.46 -1.95
N GLY A 92 -13.67 19.81 -2.30
CA GLY A 92 -13.73 18.76 -3.33
C GLY A 92 -13.85 19.35 -4.72
N ARG A 93 -13.76 20.68 -4.85
CA ARG A 93 -14.00 21.33 -6.13
C ARG A 93 -12.82 21.33 -7.08
N ALA A 94 -11.62 21.07 -6.59
CA ALA A 94 -10.50 21.06 -7.52
C ALA A 94 -10.55 19.81 -8.41
N VAL A 95 -10.06 19.92 -9.64
CA VAL A 95 -9.93 18.73 -10.49
C VAL A 95 -8.45 18.36 -10.35
N GLN A 96 -8.09 17.15 -9.98
CA GLN A 96 -6.67 16.83 -9.78
C GLN A 96 -5.95 16.30 -11.00
N HIS A 97 -4.65 16.65 -11.09
CA HIS A 97 -3.91 16.12 -12.25
C HIS A 97 -2.49 15.73 -11.85
N ARG A 98 -2.07 14.58 -12.37
CA ARG A 98 -0.70 14.12 -12.12
C ARG A 98 0.20 14.58 -13.27
N GLU A 99 1.24 15.38 -13.04
CA GLU A 99 2.12 15.78 -14.13
C GLU A 99 3.52 15.18 -13.95
N VAL A 100 3.96 14.43 -14.97
CA VAL A 100 5.28 13.79 -14.91
C VAL A 100 6.27 14.54 -15.81
N GLN A 101 7.47 14.82 -15.33
CA GLN A 101 8.49 15.48 -16.15
C GLN A 101 8.55 14.86 -17.56
N GLY A 102 8.53 15.67 -18.61
CA GLY A 102 8.59 15.15 -19.96
C GLY A 102 7.27 14.66 -20.53
N PHE A 103 6.20 14.68 -19.73
CA PHE A 103 4.92 14.17 -20.22
C PHE A 103 3.75 15.00 -19.78
N GLU A 104 4.00 16.26 -19.42
CA GLU A 104 3.00 17.14 -18.89
C GLU A 104 1.86 17.39 -19.88
N SER A 105 0.65 17.60 -19.38
CA SER A 105 -0.48 17.91 -20.27
C SER A 105 -0.28 19.28 -20.90
N ALA A 106 -0.91 19.54 -22.04
CA ALA A 106 -0.83 20.83 -22.72
C ALA A 106 -1.40 21.97 -21.88
N THR A 107 -2.51 21.69 -21.17
CA THR A 107 -3.07 22.72 -20.31
C THR A 107 -2.02 23.16 -19.29
N PHE A 108 -1.32 22.19 -18.67
CA PHE A 108 -0.36 22.56 -17.62
C PHE A 108 0.76 23.37 -18.26
N LEU A 109 1.29 22.88 -19.40
CA LEU A 109 2.40 23.62 -20.02
C LEU A 109 1.92 25.03 -20.39
N GLY A 110 0.64 25.09 -20.78
CA GLY A 110 0.02 26.35 -21.16
C GLY A 110 -0.01 27.37 -20.04
N TYR A 111 0.21 27.01 -18.77
CA TYR A 111 0.18 27.99 -17.71
C TYR A 111 1.42 28.88 -17.67
N PHE A 112 2.50 28.41 -18.28
CA PHE A 112 3.78 29.10 -18.22
C PHE A 112 4.02 29.82 -19.54
N LYS A 113 3.62 31.09 -19.59
CA LYS A 113 3.67 31.83 -20.83
C LYS A 113 5.09 31.97 -21.35
N SER A 114 6.12 31.99 -20.52
CA SER A 114 7.44 32.09 -21.17
C SER A 114 8.10 30.72 -21.24
N GLY A 115 7.30 29.65 -21.13
CA GLY A 115 7.80 28.30 -21.32
C GLY A 115 8.44 27.73 -20.07
N LEU A 116 7.89 26.64 -19.60
CA LEU A 116 8.41 25.95 -18.40
C LEU A 116 9.86 25.55 -18.67
N LYS A 117 10.69 25.60 -17.66
CA LYS A 117 12.07 25.20 -17.76
C LYS A 117 12.46 24.16 -16.70
N TYR A 118 13.28 23.18 -17.03
CA TYR A 118 13.79 22.19 -16.11
C TYR A 118 15.21 22.54 -15.66
N LYS A 119 15.48 22.34 -14.37
CA LYS A 119 16.84 22.53 -13.88
C LYS A 119 17.17 21.40 -12.90
N LYS A 120 18.38 20.87 -13.00
CA LYS A 120 18.87 19.77 -12.20
C LYS A 120 18.98 20.15 -10.74
N GLY A 121 18.89 19.18 -9.84
CA GLY A 121 19.07 19.48 -8.41
C GLY A 121 17.75 19.58 -7.66
N GLY A 122 17.79 20.12 -6.45
CA GLY A 122 16.62 20.32 -5.63
C GLY A 122 16.85 20.07 -4.16
N VAL A 123 15.79 20.10 -3.35
CA VAL A 123 15.95 19.91 -1.90
C VAL A 123 16.09 18.45 -1.51
N ALA A 124 16.95 18.19 -0.51
CA ALA A 124 17.15 16.83 0.00
C ALA A 124 15.85 16.18 0.53
N SER A 125 15.82 14.87 0.46
CA SER A 125 14.68 14.05 0.82
C SER A 125 14.35 14.26 2.29
N GLY A 126 13.10 14.09 2.68
CA GLY A 126 12.76 14.26 4.11
C GLY A 126 12.98 12.99 4.93
N PHE A 127 13.19 11.86 4.25
CA PHE A 127 13.40 10.60 4.91
C PHE A 127 14.65 10.59 5.79
N ASP B 1 13.16 6.39 18.18
CA ASP B 1 13.56 7.46 17.23
C ASP B 1 12.70 8.88 17.49
N GLY B 2 12.95 10.22 16.93
CA GLY B 2 11.87 11.34 17.26
C GLY B 2 12.08 12.97 17.06
N GLU B 3 11.90 13.53 15.10
CA GLU B 3 11.45 14.93 15.14
C GLU B 3 10.73 15.23 16.46
N ASP B 4 9.98 16.33 16.51
CA ASP B 4 9.27 16.78 17.70
C ASP B 4 8.56 15.63 18.40
N VAL B 5 7.35 15.32 17.95
CA VAL B 5 6.68 14.14 18.51
C VAL B 5 6.91 13.06 17.44
N GLN B 6 7.49 11.92 17.81
CA GLN B 6 7.77 10.87 16.84
C GLN B 6 6.56 9.97 16.57
N ALA B 7 6.03 10.01 15.34
CA ALA B 7 4.90 9.10 15.10
C ALA B 7 5.39 7.69 14.75
N LEU B 8 4.55 6.70 14.98
CA LEU B 8 4.85 5.30 14.68
C LEU B 8 3.88 4.80 13.60
N VAL B 9 4.33 3.83 12.81
CA VAL B 9 3.50 3.26 11.76
C VAL B 9 3.46 1.75 11.91
N ILE B 10 2.22 1.25 12.02
CA ILE B 10 2.02 -0.19 12.12
C ILE B 10 1.11 -0.64 10.97
N ASP B 11 1.64 -1.60 10.21
CA ASP B 11 0.91 -2.23 9.11
C ASP B 11 0.71 -3.69 9.49
N ASN B 12 -0.49 -4.02 9.92
CA ASN B 12 -0.79 -5.39 10.32
C ASN B 12 -1.37 -6.24 9.20
N GLY B 13 -0.67 -7.31 8.86
CA GLY B 13 -1.11 -8.24 7.86
C GLY B 13 -1.49 -9.60 8.47
N SER B 14 -2.15 -10.37 7.61
CA SER B 14 -2.53 -11.73 7.94
C SER B 14 -1.31 -12.54 8.34
N GLY B 15 -0.24 -12.40 7.57
CA GLY B 15 0.95 -13.20 7.78
C GLY B 15 2.08 -12.49 8.49
N MET B 16 2.34 -11.25 8.15
CA MET B 16 3.41 -10.44 8.70
C MET B 16 2.95 -9.07 9.21
N CYS B 17 3.58 -8.62 10.28
CA CYS B 17 3.38 -7.28 10.84
C CYS B 17 4.58 -6.44 10.42
N LYS B 18 4.37 -5.26 9.87
CA LYS B 18 5.48 -4.39 9.46
C LYS B 18 5.34 -3.15 10.37
N ALA B 19 6.36 -2.79 11.13
CA ALA B 19 6.26 -1.66 12.04
C ALA B 19 7.53 -0.80 12.05
N GLY B 20 7.34 0.48 12.34
CA GLY B 20 8.50 1.37 12.31
C GLY B 20 8.13 2.78 12.72
N PHE B 21 8.94 3.72 12.28
CA PHE B 21 8.87 5.12 12.64
C PHE B 21 8.52 6.00 11.46
N ALA B 22 7.53 6.89 11.65
CA ALA B 22 7.14 7.80 10.60
C ALA B 22 8.40 8.58 10.20
N GLY B 23 8.65 8.66 8.89
CA GLY B 23 9.83 9.42 8.48
C GLY B 23 10.95 8.47 8.05
N ASP B 24 10.89 7.19 8.44
CA ASP B 24 11.89 6.28 7.87
C ASP B 24 11.37 5.85 6.49
N ASP B 25 12.28 5.38 5.65
CA ASP B 25 11.88 4.94 4.30
C ASP B 25 11.51 3.47 4.29
N ALA B 26 11.62 2.80 5.43
CA ALA B 26 11.30 1.36 5.47
C ALA B 26 10.92 0.96 6.88
N PRO B 27 10.16 -0.12 6.99
CA PRO B 27 9.79 -0.64 8.30
C PRO B 27 11.03 -1.06 9.08
N ARG B 28 11.14 -0.77 10.36
CA ARG B 28 12.26 -1.15 11.21
C ARG B 28 12.12 -2.62 11.61
N ALA B 29 10.87 -3.05 11.79
CA ALA B 29 10.57 -4.42 12.15
C ALA B 29 9.57 -5.10 11.22
N VAL B 30 9.88 -6.35 10.89
CA VAL B 30 9.02 -7.18 10.04
C VAL B 30 8.97 -8.57 10.66
N PHE B 31 7.84 -9.04 11.17
CA PHE B 31 7.84 -10.31 11.89
C PHE B 31 6.48 -10.98 11.71
N PRO B 32 6.42 -12.28 11.89
CA PRO B 32 5.24 -13.07 11.66
C PRO B 32 4.13 -12.73 12.65
N SER B 33 2.94 -12.56 12.10
CA SER B 33 1.76 -12.19 12.87
C SER B 33 1.21 -13.45 13.54
N ILE B 34 2.02 -13.96 14.47
CA ILE B 34 1.73 -15.21 15.17
C ILE B 34 1.78 -15.04 16.67
N VAL B 35 0.79 -15.62 17.36
CA VAL B 35 0.83 -15.62 18.82
C VAL B 35 0.83 -17.07 19.34
N GLY B 36 1.88 -17.45 20.07
CA GLY B 36 1.92 -18.78 20.66
C GLY B 36 1.60 -18.81 22.14
N ARG B 37 0.72 -19.72 22.54
CA ARG B 37 0.36 -19.93 23.93
C ARG B 37 0.57 -21.39 24.31
N PRO B 38 0.99 -21.61 25.57
CA PRO B 38 1.23 -22.92 26.12
C PRO B 38 0.12 -23.91 25.82
N ARG B 39 0.52 -25.15 25.50
CA ARG B 39 -0.50 -26.17 25.26
C ARG B 39 -1.09 -26.58 26.61
N HIS B 40 -0.26 -26.46 27.64
CA HIS B 40 -0.72 -26.88 28.97
C HIS B 40 -0.55 -25.77 29.97
N THR B 41 0.66 -25.36 30.34
CA THR B 41 0.75 -24.24 31.31
C THR B 41 1.99 -23.40 31.06
N GLY B 42 1.99 -22.13 31.43
CA GLY B 42 3.03 -21.16 31.34
C GLY B 42 4.35 -21.58 30.75
N LYS B 43 -2.24 -16.97 30.17
CA LYS B 43 -1.28 -16.11 30.86
C LYS B 43 -0.04 -15.82 30.03
N ASP B 44 0.81 -16.83 29.82
CA ASP B 44 2.03 -16.63 29.08
C ASP B 44 1.82 -16.66 27.57
N SER B 45 2.78 -16.09 26.84
CA SER B 45 2.64 -16.01 25.39
C SER B 45 3.94 -15.71 24.66
N TYR B 46 3.93 -16.02 23.36
CA TYR B 46 5.09 -15.76 22.51
C TYR B 46 4.64 -15.15 21.19
N VAL B 47 5.49 -14.35 20.56
CA VAL B 47 5.13 -13.77 19.27
C VAL B 47 6.20 -13.98 18.24
N GLY B 48 5.77 -14.18 16.98
CA GLY B 48 6.61 -14.27 15.83
C GLY B 48 7.52 -15.47 15.74
N ASP B 49 8.75 -15.19 15.33
CA ASP B 49 9.78 -16.21 15.17
C ASP B 49 9.89 -17.14 16.37
N GLU B 50 9.93 -16.54 17.56
CA GLU B 50 10.06 -17.28 18.80
C GLU B 50 8.86 -18.18 19.03
N ALA B 51 7.66 -17.74 18.68
CA ALA B 51 6.51 -18.62 18.82
C ALA B 51 6.72 -19.82 17.88
N GLN B 52 7.21 -19.53 16.68
CA GLN B 52 7.38 -20.60 15.71
C GLN B 52 8.39 -21.65 16.18
N SER B 53 9.50 -21.20 16.74
CA SER B 53 10.55 -22.09 17.21
C SER B 53 10.12 -22.95 18.38
N LYS B 54 9.14 -22.53 19.17
CA LYS B 54 8.66 -23.35 20.28
C LYS B 54 7.26 -23.90 19.95
N ARG B 55 6.98 -23.99 18.65
CA ARG B 55 5.66 -24.48 18.24
C ARG B 55 5.32 -25.84 18.85
N GLY B 56 6.30 -26.72 18.97
CA GLY B 56 6.05 -28.06 19.47
C GLY B 56 5.43 -28.04 20.87
N ILE B 57 5.66 -27.01 21.67
CA ILE B 57 4.98 -26.96 22.96
C ILE B 57 3.97 -25.82 23.04
N LEU B 58 3.69 -25.16 21.92
CA LEU B 58 2.68 -24.09 21.97
C LEU B 58 1.53 -24.36 20.99
N THR B 59 0.41 -23.72 21.25
CA THR B 59 -0.75 -23.64 20.38
C THR B 59 -0.57 -22.31 19.61
N LEU B 60 -0.36 -22.39 18.30
CA LEU B 60 -0.16 -21.16 17.55
C LEU B 60 -1.45 -20.66 16.90
N LYS B 61 -1.60 -19.34 16.86
CA LYS B 61 -2.75 -18.70 16.27
C LYS B 61 -2.40 -17.41 15.51
N TYR B 62 -3.18 -17.21 14.45
CA TYR B 62 -3.10 -16.01 13.63
C TYR B 62 -4.31 -15.10 13.92
N PRO B 63 -4.08 -14.00 14.61
CA PRO B 63 -5.15 -13.06 14.94
C PRO B 63 -5.76 -12.39 13.72
N ILE B 64 -5.04 -12.28 12.61
CA ILE B 64 -5.61 -11.70 11.39
C ILE B 64 -5.79 -12.76 10.31
N GLU B 65 -7.02 -12.99 9.89
CA GLU B 65 -7.39 -13.92 8.84
C GLU B 65 -7.93 -13.19 7.61
N GLY B 67 -6.95 -10.60 6.29
CA GLY B 67 -6.81 -9.17 6.53
C GLY B 67 -7.69 -8.60 7.61
N ILE B 68 -8.55 -9.44 8.18
CA ILE B 68 -9.48 -9.00 9.22
C ILE B 68 -9.14 -9.61 10.58
N VAL B 69 -9.16 -8.80 11.63
CA VAL B 69 -8.88 -9.30 12.97
C VAL B 69 -9.99 -10.21 13.49
N THR B 70 -9.60 -11.44 13.86
CA THR B 70 -10.59 -12.33 14.44
C THR B 70 -10.25 -12.72 15.86
N ASN B 71 -9.16 -12.25 16.44
CA ASN B 71 -8.90 -12.51 17.87
C ASN B 71 -8.28 -11.25 18.45
N TRP B 72 -9.05 -10.51 19.22
CA TRP B 72 -8.58 -9.25 19.79
C TRP B 72 -7.58 -9.40 20.93
N ASP B 73 -7.69 -10.36 21.82
CA ASP B 73 -6.64 -10.58 22.82
C ASP B 73 -5.28 -10.87 22.18
N ASP B 74 -5.26 -11.68 21.14
CA ASP B 74 -4.02 -12.02 20.47
C ASP B 74 -3.54 -10.82 19.66
N MET B 75 -4.48 -10.01 19.17
CA MET B 75 -4.07 -8.81 18.41
C MET B 75 -3.33 -7.87 19.36
N GLU B 76 -3.86 -7.81 20.57
CA GLU B 76 -3.26 -6.97 21.61
C GLU B 76 -1.86 -7.45 21.97
N LYS B 77 -1.63 -8.79 21.92
CA LYS B 77 -0.29 -9.31 22.14
C LYS B 77 0.67 -8.89 21.03
N ILE B 78 0.19 -8.98 19.79
CA ILE B 78 1.01 -8.55 18.65
C ILE B 78 1.41 -7.10 18.91
N TRP B 79 0.41 -6.30 19.27
CA TRP B 79 0.69 -4.87 19.50
C TRP B 79 1.62 -4.60 20.67
N HIS B 80 1.42 -5.27 21.79
CA HIS B 80 2.31 -5.07 22.95
C HIS B 80 3.72 -5.47 22.58
N HIS B 81 3.86 -6.58 21.86
CA HIS B 81 5.21 -7.03 21.43
C HIS B 81 5.82 -6.01 20.48
N THR B 82 5.00 -5.47 19.57
CA THR B 82 5.47 -4.51 18.58
C THR B 82 6.12 -3.32 19.29
N PHE B 83 5.40 -2.72 20.20
CA PHE B 83 5.90 -1.55 20.93
C PHE B 83 7.08 -1.86 21.83
N TYR B 84 6.92 -2.83 22.74
CA TYR B 84 7.99 -3.08 23.72
C TYR B 84 9.14 -3.91 23.22
N ASN B 85 8.88 -4.96 22.45
CA ASN B 85 9.97 -5.83 22.01
C ASN B 85 10.61 -5.39 20.71
N GLU B 86 9.83 -5.12 19.69
CA GLU B 86 10.35 -4.73 18.38
C GLU B 86 10.78 -3.29 18.28
N LEU B 87 9.93 -2.29 18.50
CA LEU B 87 10.33 -0.89 18.36
C LEU B 87 10.95 -0.30 19.62
N ARG B 88 10.72 -0.90 20.78
CA ARG B 88 11.28 -0.46 22.03
C ARG B 88 10.87 0.97 22.39
N VAL B 89 9.56 1.20 22.44
CA VAL B 89 9.04 2.52 22.78
C VAL B 89 7.96 2.37 23.87
N ALA B 90 7.51 3.47 24.45
CA ALA B 90 6.34 3.38 25.35
C ALA B 90 5.24 4.03 24.53
N PRO B 91 4.21 3.28 24.20
CA PRO B 91 3.17 3.75 23.27
C PRO B 91 2.49 5.03 23.71
N GLU B 92 2.37 5.23 25.01
CA GLU B 92 1.75 6.42 25.58
C GLU B 92 2.56 7.66 25.17
N GLU B 93 3.76 7.49 24.66
CA GLU B 93 4.57 8.63 24.21
C GLU B 93 4.44 8.93 22.70
N HIS B 94 3.63 8.22 21.91
CA HIS B 94 3.58 8.43 20.48
C HIS B 94 2.24 8.30 19.76
N PRO B 95 1.99 9.21 18.81
CA PRO B 95 0.87 9.10 17.88
C PRO B 95 1.10 7.79 17.12
N VAL B 96 0.10 6.99 16.89
CA VAL B 96 0.28 5.75 16.16
C VAL B 96 -0.68 5.68 14.96
N LEU B 97 -0.07 5.43 13.82
CA LEU B 97 -0.85 5.23 12.61
C LEU B 97 -0.94 3.73 12.40
N LEU B 98 -2.15 3.23 12.24
CA LEU B 98 -2.41 1.84 11.94
C LEU B 98 -3.06 1.70 10.56
N THR B 99 -3.01 0.52 9.96
CA THR B 99 -3.60 0.26 8.67
C THR B 99 -4.74 -0.75 8.77
N GLU B 100 -5.61 -0.78 7.76
CA GLU B 100 -6.72 -1.75 7.83
C GLU B 100 -7.01 -2.29 6.44
N ALA B 101 -7.81 -3.31 6.34
CA ALA B 101 -8.18 -3.86 5.03
C ALA B 101 -9.33 -3.02 4.47
N PRO B 102 -9.55 -3.08 3.17
CA PRO B 102 -10.69 -2.44 2.54
C PRO B 102 -11.95 -3.11 3.13
N LEU B 103 -13.02 -2.37 3.33
CA LEU B 103 -14.25 -2.94 3.87
C LEU B 103 -14.13 -3.55 5.26
N ASN B 104 -13.25 -3.08 6.11
CA ASN B 104 -13.10 -3.56 7.48
C ASN B 104 -14.40 -3.32 8.23
N PRO B 105 -14.96 -4.30 8.90
CA PRO B 105 -16.24 -4.13 9.61
C PRO B 105 -16.13 -2.98 10.61
N LYS B 106 -17.22 -2.22 10.67
CA LYS B 106 -17.40 -1.08 11.51
C LYS B 106 -16.98 -1.38 12.95
N ALA B 107 -17.43 -2.52 13.46
CA ALA B 107 -17.12 -2.86 14.84
C ALA B 107 -15.63 -3.01 15.08
N ASN B 108 -14.89 -3.52 14.12
CA ASN B 108 -13.47 -3.74 14.18
C ASN B 108 -12.69 -2.42 14.22
N ARG B 109 -13.15 -1.43 13.47
CA ARG B 109 -12.52 -0.11 13.45
C ARG B 109 -12.70 0.55 14.82
N GLU B 110 -13.86 0.34 15.44
CA GLU B 110 -14.06 0.87 16.78
C GLU B 110 -13.15 0.22 17.82
N LYS B 111 -13.02 -1.09 17.70
CA LYS B 111 -12.21 -1.87 18.66
C LYS B 111 -10.72 -1.54 18.61
N MET B 112 -10.18 -1.33 17.41
CA MET B 112 -8.78 -0.93 17.27
C MET B 112 -8.53 0.41 17.97
N THR B 113 -9.48 1.34 17.79
CA THR B 113 -9.42 2.66 18.36
C THR B 113 -9.52 2.54 19.87
N GLN B 114 -10.41 1.63 20.29
CA GLN B 114 -10.59 1.45 21.73
C GLN B 114 -9.32 0.92 22.40
N ILE B 115 -8.77 -0.16 21.84
CA ILE B 115 -7.55 -0.76 22.39
C ILE B 115 -6.44 0.27 22.43
N MET B 116 -6.22 0.98 21.31
CA MET B 116 -5.12 1.95 21.32
C MET B 116 -5.27 2.93 22.48
N PHE B 117 -6.43 3.59 22.61
CA PHE B 117 -6.54 4.61 23.65
C PHE B 117 -6.66 3.99 25.05
N GLU B 118 -7.47 2.95 25.23
CA GLU B 118 -7.67 2.44 26.59
C GLU B 118 -6.62 1.45 27.04
N THR B 119 -6.14 0.51 26.22
CA THR B 119 -5.11 -0.42 26.66
C THR B 119 -3.71 0.19 26.56
N PHE B 120 -3.37 0.93 25.51
CA PHE B 120 -2.02 1.43 25.35
C PHE B 120 -1.91 2.90 25.66
N ASN B 121 -3.03 3.59 25.88
CA ASN B 121 -2.92 5.03 26.17
C ASN B 121 -2.18 5.81 25.12
N THR B 122 -2.42 5.50 23.81
CA THR B 122 -1.74 6.36 22.81
C THR B 122 -2.29 7.77 22.92
N PRO B 123 -1.51 8.81 22.79
CA PRO B 123 -1.97 10.19 22.86
C PRO B 123 -2.77 10.57 21.62
N ALA B 124 -2.54 9.83 20.54
CA ALA B 124 -3.22 10.02 19.28
C ALA B 124 -3.11 8.79 18.37
N MET B 125 -4.14 8.58 17.53
CA MET B 125 -4.12 7.53 16.55
C MET B 125 -4.94 7.85 15.32
N TYR B 126 -4.66 7.05 14.30
CA TYR B 126 -5.29 7.15 12.98
C TYR B 126 -5.30 5.77 12.34
N VAL B 127 -6.32 5.46 11.57
CA VAL B 127 -6.42 4.20 10.85
C VAL B 127 -6.50 4.56 9.35
N ALA B 128 -5.77 3.89 8.50
CA ALA B 128 -5.81 4.19 7.06
C ALA B 128 -6.00 2.90 6.27
N ILE B 129 -6.62 2.95 5.13
CA ILE B 129 -6.78 1.74 4.31
C ILE B 129 -5.46 1.37 3.66
N GLN B 130 -4.98 0.14 3.79
CA GLN B 130 -3.74 -0.32 3.13
C GLN B 130 -3.59 0.05 1.66
N ALA B 131 -4.52 -0.30 0.78
CA ALA B 131 -4.47 0.00 -0.64
C ALA B 131 -4.28 1.49 -0.92
N VAL B 132 -5.02 2.36 -0.26
CA VAL B 132 -4.85 3.79 -0.44
C VAL B 132 -3.44 4.22 -0.07
N LEU B 133 -2.85 3.67 0.99
CA LEU B 133 -1.48 4.03 1.33
C LEU B 133 -0.49 3.60 0.24
N SER B 134 -0.71 2.44 -0.40
CA SER B 134 0.21 2.08 -1.48
C SER B 134 0.05 3.06 -2.66
N LEU B 135 -1.20 3.43 -2.95
CA LEU B 135 -1.40 4.34 -4.08
C LEU B 135 -0.59 5.61 -3.77
N TYR B 136 -0.71 6.12 -2.53
CA TYR B 136 0.05 7.30 -2.14
C TYR B 136 1.55 7.11 -2.26
N ALA B 137 2.07 5.95 -1.84
CA ALA B 137 3.50 5.70 -1.95
C ALA B 137 3.97 5.77 -3.39
N SER B 138 3.08 5.41 -4.34
CA SER B 138 3.51 5.50 -5.74
C SER B 138 3.30 6.88 -6.33
N GLY B 139 3.05 7.89 -5.49
CA GLY B 139 2.89 9.25 -5.99
C GLY B 139 1.65 9.42 -6.87
N ARG B 140 0.53 8.86 -6.46
CA ARG B 140 -0.72 9.00 -7.20
C ARG B 140 -1.93 9.26 -6.30
N THR B 141 -2.98 9.86 -6.88
CA THR B 141 -4.23 10.03 -6.16
C THR B 141 -5.40 9.28 -6.80
N THR B 142 -5.20 8.79 -8.01
CA THR B 142 -6.23 8.05 -8.76
C THR B 142 -5.56 6.83 -9.39
N GLY B 143 -6.22 5.67 -9.28
CA GLY B 143 -5.62 4.46 -9.85
C GLY B 143 -6.29 3.26 -9.20
N ILE B 144 -5.89 2.07 -9.65
CA ILE B 144 -6.50 0.88 -9.09
C ILE B 144 -5.35 0.06 -8.47
N VAL B 145 -5.52 -0.27 -7.18
CA VAL B 145 -4.46 -1.04 -6.55
C VAL B 145 -4.86 -2.51 -6.56
N MET B 146 -3.91 -3.35 -6.97
CA MET B 146 -4.13 -4.80 -6.83
C MET B 146 -3.23 -5.18 -5.63
N ASP B 147 -3.74 -5.51 -4.48
CA ASP B 147 -2.96 -5.75 -3.28
C ASP B 147 -3.08 -7.21 -2.88
N SER B 148 -1.98 -7.93 -2.93
CA SER B 148 -2.04 -9.37 -2.64
C SER B 148 -1.01 -9.78 -1.60
N GLY B 149 -1.45 -10.33 -0.47
CA GLY B 149 -0.48 -10.66 0.59
C GLY B 149 -0.48 -12.15 0.91
N ASP B 150 -0.49 -12.49 2.19
CA ASP B 150 -0.48 -13.85 2.66
C ASP B 150 -1.88 -14.44 2.82
N GLY B 151 -2.88 -13.63 3.18
CA GLY B 151 -4.20 -14.22 3.36
C GLY B 151 -5.27 -13.72 2.41
N VAL B 152 -5.11 -12.55 1.79
CA VAL B 152 -6.16 -12.04 0.89
C VAL B 152 -5.60 -11.17 -0.22
N SER B 153 -6.32 -11.05 -1.32
CA SER B 153 -6.03 -10.14 -2.44
C SER B 153 -7.23 -9.20 -2.62
N HIS B 154 -7.00 -7.94 -2.94
CA HIS B 154 -8.06 -6.98 -3.15
C HIS B 154 -7.73 -6.16 -4.42
N THR B 155 -8.77 -5.78 -5.11
CA THR B 155 -8.69 -4.85 -6.21
C THR B 155 -9.48 -3.61 -5.73
N VAL B 156 -8.80 -2.51 -5.53
CA VAL B 156 -9.34 -1.29 -4.96
C VAL B 156 -9.16 -0.05 -5.84
N PRO B 157 -10.21 0.34 -6.50
CA PRO B 157 -10.20 1.52 -7.35
C PRO B 157 -10.25 2.74 -6.43
N ILE B 158 -9.42 3.72 -6.74
CA ILE B 158 -9.32 4.95 -5.97
C ILE B 158 -9.42 6.16 -6.88
N TYR B 159 -10.17 7.17 -6.44
CA TYR B 159 -10.29 8.39 -7.23
C TYR B 159 -10.05 9.64 -6.41
N GLU B 160 -9.11 10.47 -6.82
CA GLU B 160 -8.84 11.75 -6.18
C GLU B 160 -8.67 11.59 -4.69
N GLY B 161 -8.05 10.44 -4.37
CA GLY B 161 -7.63 10.27 -2.99
C GLY B 161 -8.44 9.32 -2.16
N TYR B 162 -9.57 8.84 -2.66
CA TYR B 162 -10.40 7.97 -1.82
C TYR B 162 -10.82 6.70 -2.54
N ALA B 163 -10.91 5.60 -1.77
CA ALA B 163 -11.33 4.34 -2.37
C ALA B 163 -12.78 4.48 -2.79
N LEU B 164 -13.24 3.70 -3.74
CA LEU B 164 -14.63 3.65 -4.21
C LEU B 164 -15.20 2.32 -3.73
N PRO B 165 -15.75 2.28 -2.53
CA PRO B 165 -16.13 1.05 -1.89
C PRO B 165 -16.96 0.15 -2.78
N HIS B 166 -17.93 0.68 -3.49
CA HIS B 166 -18.82 -0.17 -4.28
C HIS B 166 -18.07 -0.98 -5.33
N ALA B 167 -16.89 -0.51 -5.74
CA ALA B 167 -16.20 -1.23 -6.80
C ALA B 167 -15.05 -2.09 -6.29
N ILE B 168 -14.85 -2.19 -4.98
CA ILE B 168 -13.78 -3.01 -4.42
C ILE B 168 -14.18 -4.47 -4.53
N LEU B 169 -13.28 -5.36 -4.87
CA LEU B 169 -13.48 -6.80 -4.93
C LEU B 169 -12.36 -7.45 -4.08
N ARG B 170 -12.78 -8.46 -3.36
CA ARG B 170 -11.99 -9.27 -2.47
C ARG B 170 -11.83 -10.66 -3.09
N LEU B 171 -10.65 -11.24 -2.94
CA LEU B 171 -10.41 -12.60 -3.47
C LEU B 171 -9.67 -13.41 -2.42
N ASP B 172 -10.33 -14.37 -1.79
CA ASP B 172 -9.66 -15.19 -0.78
C ASP B 172 -8.74 -16.19 -1.50
N LEU B 173 -7.66 -15.66 -2.04
CA LEU B 173 -6.67 -16.44 -2.76
C LEU B 173 -5.41 -15.59 -2.59
N ALA B 174 -4.40 -16.11 -1.93
CA ALA B 174 -3.21 -15.30 -1.74
C ALA B 174 -1.98 -16.16 -1.48
N GLY B 175 -0.93 -15.60 -0.88
CA GLY B 175 0.30 -16.27 -0.64
C GLY B 175 0.20 -17.62 0.06
N ARG B 176 -0.60 -17.74 1.10
CA ARG B 176 -0.68 -19.01 1.83
C ARG B 176 -1.15 -20.13 0.90
N ASP B 177 -2.16 -19.80 0.10
CA ASP B 177 -2.79 -20.73 -0.82
C ASP B 177 -1.79 -21.22 -1.85
N LEU B 178 -0.93 -20.30 -2.24
CA LEU B 178 0.11 -20.58 -3.22
C LEU B 178 1.16 -21.51 -2.63
N THR B 179 1.59 -21.26 -1.40
CA THR B 179 2.58 -22.07 -0.70
C THR B 179 2.01 -23.49 -0.58
N ASP B 180 0.80 -23.61 -0.07
CA ASP B 180 0.17 -24.92 0.03
C ASP B 180 0.15 -25.63 -1.32
N TYR B 181 -0.19 -24.89 -2.36
CA TYR B 181 -0.24 -25.48 -3.70
C TYR B 181 1.13 -25.95 -4.18
N MET B 182 2.16 -25.20 -3.84
CA MET B 182 3.49 -25.61 -4.28
C MET B 182 3.86 -26.89 -3.54
N MET B 183 3.29 -27.07 -2.33
CA MET B 183 3.63 -28.23 -1.54
C MET B 183 3.09 -29.50 -2.23
N LYS B 184 1.83 -29.38 -2.63
CA LYS B 184 1.08 -30.45 -3.23
C LYS B 184 1.64 -30.84 -4.59
N ILE B 185 2.04 -29.92 -5.44
CA ILE B 185 2.59 -30.24 -6.74
C ILE B 185 4.05 -30.64 -6.67
N LEU B 186 4.78 -30.25 -5.62
CA LEU B 186 6.18 -30.67 -5.52
C LEU B 186 6.13 -32.14 -5.05
N THR B 187 5.16 -32.39 -4.18
CA THR B 187 4.89 -33.74 -3.70
C THR B 187 4.60 -34.66 -4.90
N GLU B 188 3.64 -34.25 -5.73
CA GLU B 188 3.31 -35.02 -6.93
C GLU B 188 4.53 -35.23 -7.81
N ARG B 189 5.55 -34.38 -7.77
CA ARG B 189 6.72 -34.57 -8.63
C ARG B 189 7.50 -35.81 -8.22
N GLY B 190 7.32 -36.23 -6.97
CA GLY B 190 8.12 -37.33 -6.43
C GLY B 190 8.71 -36.98 -5.06
N TYR B 191 8.81 -35.68 -4.77
CA TYR B 191 9.28 -35.28 -3.43
C TYR B 191 8.13 -35.39 -2.46
N SER B 192 8.36 -35.00 -1.22
CA SER B 192 7.31 -35.08 -0.22
C SER B 192 7.37 -33.86 0.72
N PHE B 193 6.41 -32.97 0.53
CA PHE B 193 6.34 -31.76 1.35
C PHE B 193 4.95 -31.68 1.98
N THR B 194 4.81 -32.08 3.23
CA THR B 194 3.49 -32.07 3.87
C THR B 194 3.52 -31.55 5.31
N THR B 195 4.69 -31.50 5.93
CA THR B 195 4.76 -31.07 7.33
C THR B 195 4.90 -29.56 7.50
N THR B 196 4.63 -29.11 8.72
CA THR B 196 4.82 -27.71 9.09
C THR B 196 6.22 -27.24 8.74
N ALA B 197 7.24 -27.99 9.10
CA ALA B 197 8.62 -27.66 8.79
C ALA B 197 8.85 -27.61 7.27
N GLU B 198 8.11 -28.46 6.58
CA GLU B 198 8.20 -28.53 5.13
C GLU B 198 7.51 -27.35 4.46
N ARG B 199 6.44 -26.89 5.10
CA ARG B 199 5.70 -25.75 4.61
C ARG B 199 6.68 -24.57 4.57
N GLU B 200 7.36 -24.39 5.70
CA GLU B 200 8.34 -23.30 5.74
C GLU B 200 9.32 -23.44 4.58
N ILE B 201 9.81 -24.65 4.33
CA ILE B 201 10.80 -24.81 3.25
C ILE B 201 10.18 -24.40 1.91
N VAL B 202 8.95 -24.83 1.70
CA VAL B 202 8.26 -24.55 0.44
C VAL B 202 7.98 -23.07 0.24
N ARG B 203 7.64 -22.36 1.30
CA ARG B 203 7.39 -20.92 1.24
C ARG B 203 8.62 -20.26 0.64
N ASP B 204 9.76 -20.77 1.12
CA ASP B 204 11.05 -20.26 0.65
C ASP B 204 11.32 -20.67 -0.79
N ILE B 205 10.91 -21.87 -1.20
CA ILE B 205 11.16 -22.25 -2.62
C ILE B 205 10.30 -21.33 -3.50
N LYS B 206 9.06 -21.15 -3.03
CA LYS B 206 8.14 -20.23 -3.69
C LYS B 206 8.75 -18.84 -3.81
N GLU B 207 9.31 -18.30 -2.72
CA GLU B 207 9.87 -16.95 -2.82
C GLU B 207 11.15 -16.83 -3.61
N LYS B 208 11.94 -17.89 -3.77
CA LYS B 208 13.23 -17.76 -4.42
C LYS B 208 13.23 -18.20 -5.87
N LEU B 209 12.42 -19.23 -6.18
CA LEU B 209 12.47 -19.78 -7.53
C LEU B 209 11.18 -19.71 -8.33
N ALA B 210 10.06 -19.24 -7.76
CA ALA B 210 8.84 -19.18 -8.55
C ALA B 210 8.82 -17.99 -9.50
N TYR B 211 7.96 -18.05 -10.52
CA TYR B 211 7.88 -16.95 -11.49
C TYR B 211 6.57 -17.06 -12.26
N VAL B 212 6.14 -15.93 -12.84
CA VAL B 212 4.88 -16.02 -13.60
C VAL B 212 5.26 -16.12 -15.08
N ALA B 213 4.74 -17.14 -15.76
CA ALA B 213 5.04 -17.21 -17.19
C ALA B 213 4.24 -16.16 -17.95
N LEU B 214 4.85 -15.58 -18.95
CA LEU B 214 4.12 -14.69 -19.84
C LEU B 214 3.10 -15.45 -20.69
N ASP B 215 3.46 -16.65 -21.13
CA ASP B 215 2.60 -17.54 -21.88
C ASP B 215 2.66 -18.91 -21.21
N PHE B 216 1.62 -19.20 -20.42
CA PHE B 216 1.59 -20.43 -19.68
C PHE B 216 1.76 -21.70 -20.53
N GLU B 217 1.00 -21.86 -21.62
CA GLU B 217 1.09 -23.09 -22.41
C GLU B 217 2.42 -23.18 -23.12
N ALA B 218 2.92 -22.11 -23.74
CA ALA B 218 4.26 -22.19 -24.32
C ALA B 218 5.26 -22.65 -23.25
N GLU B 219 5.18 -22.13 -22.02
CA GLU B 219 6.15 -22.51 -21.02
C GLU B 219 6.01 -23.97 -20.60
N MET B 220 4.79 -24.47 -20.45
CA MET B 220 4.65 -25.88 -20.09
C MET B 220 5.39 -26.70 -21.15
N GLN B 221 5.26 -26.27 -22.41
CA GLN B 221 5.95 -26.89 -23.53
C GLN B 221 7.46 -26.82 -23.35
N THR B 222 8.04 -25.63 -23.31
CA THR B 222 9.49 -25.51 -23.12
C THR B 222 9.94 -26.43 -21.98
N ALA B 223 9.17 -26.43 -20.90
CA ALA B 223 9.57 -27.21 -19.74
C ALA B 223 9.53 -28.69 -20.08
N ALA B 224 8.57 -29.10 -20.89
CA ALA B 224 8.38 -30.51 -21.19
C ALA B 224 9.41 -31.10 -22.15
N SER B 225 10.05 -30.30 -22.98
CA SER B 225 10.95 -30.75 -24.01
C SER B 225 12.40 -30.35 -23.79
N SER B 226 12.60 -29.45 -22.84
CA SER B 226 13.92 -28.98 -22.48
C SER B 226 14.10 -29.17 -20.97
N SER B 227 15.26 -28.82 -20.44
CA SER B 227 15.51 -28.96 -19.01
C SER B 227 16.00 -27.60 -18.49
N ALA B 228 16.00 -26.69 -19.45
CA ALA B 228 16.43 -25.32 -19.41
C ALA B 228 15.78 -24.48 -18.31
N LEU B 229 14.53 -24.76 -17.96
CA LEU B 229 13.89 -23.95 -16.95
C LEU B 229 14.08 -24.53 -15.55
N GLU B 230 14.78 -25.67 -15.47
CA GLU B 230 14.88 -26.31 -14.14
C GLU B 230 15.82 -25.55 -13.21
N LYS B 231 15.58 -25.73 -11.91
CA LYS B 231 16.48 -25.12 -10.95
C LYS B 231 16.72 -26.09 -9.80
N SER B 232 17.89 -25.99 -9.18
CA SER B 232 18.19 -26.82 -8.03
C SER B 232 17.92 -26.01 -6.75
N TYR B 233 17.55 -26.73 -5.69
CA TYR B 233 17.31 -26.08 -4.43
C TYR B 233 17.92 -26.93 -3.30
N GLU B 234 18.64 -26.26 -2.40
CA GLU B 234 19.24 -26.97 -1.27
C GLU B 234 18.41 -26.94 0.00
N LEU B 235 17.91 -28.10 0.40
CA LEU B 235 17.16 -28.21 1.65
C LEU B 235 18.10 -28.01 2.83
N PRO B 236 17.54 -27.73 3.99
CA PRO B 236 18.33 -27.48 5.19
C PRO B 236 19.36 -28.56 5.48
N ASP B 237 19.10 -29.80 5.06
CA ASP B 237 20.00 -30.91 5.33
C ASP B 237 21.14 -31.11 4.34
N GLY B 238 21.21 -30.32 3.27
CA GLY B 238 22.23 -30.47 2.27
C GLY B 238 21.72 -31.19 1.01
N GLN B 239 20.61 -31.91 1.12
CA GLN B 239 20.06 -32.55 -0.07
C GLN B 239 19.61 -31.47 -1.06
N VAL B 240 19.80 -31.76 -2.33
CA VAL B 240 19.46 -30.91 -3.45
C VAL B 240 18.27 -31.51 -4.21
N ILE B 241 17.22 -30.73 -4.40
CA ILE B 241 16.08 -31.19 -5.17
C ILE B 241 16.09 -30.44 -6.48
N THR B 242 15.25 -30.89 -7.42
CA THR B 242 15.15 -30.21 -8.72
C THR B 242 13.72 -29.73 -8.90
N ILE B 243 13.52 -28.44 -9.11
CA ILE B 243 12.21 -27.83 -9.31
C ILE B 243 12.06 -27.54 -10.81
N GLY B 244 10.95 -27.92 -11.44
CA GLY B 244 10.81 -27.67 -12.88
C GLY B 244 9.67 -26.69 -13.19
N ASN B 245 8.63 -27.22 -13.83
CA ASN B 245 7.47 -26.43 -14.21
C ASN B 245 6.68 -25.96 -12.99
N GLU B 246 7.08 -26.41 -11.81
CA GLU B 246 6.40 -26.06 -10.57
C GLU B 246 6.66 -24.58 -10.27
N ARG B 247 7.80 -24.13 -10.75
CA ARG B 247 8.23 -22.76 -10.62
C ARG B 247 7.16 -21.79 -11.15
N PHE B 248 6.56 -22.12 -12.29
CA PHE B 248 5.58 -21.20 -12.86
C PHE B 248 4.16 -21.68 -12.65
N ARG B 249 3.89 -22.95 -12.38
CA ARG B 249 2.50 -23.35 -12.19
C ARG B 249 1.96 -22.83 -10.87
N CYS B 250 2.88 -22.63 -9.93
CA CYS B 250 2.42 -22.18 -8.59
C CYS B 250 1.72 -20.84 -8.68
N PRO B 251 2.37 -19.77 -9.08
CA PRO B 251 1.73 -18.48 -9.25
C PRO B 251 0.70 -18.48 -10.36
N GLU B 252 0.72 -19.46 -11.27
CA GLU B 252 -0.34 -19.49 -12.30
C GLU B 252 -1.70 -19.57 -11.61
N ALA B 253 -1.74 -20.12 -10.41
CA ALA B 253 -3.02 -20.17 -9.67
C ALA B 253 -3.58 -18.76 -9.47
N LEU B 254 -2.75 -17.70 -9.45
CA LEU B 254 -3.32 -16.35 -9.33
C LEU B 254 -4.21 -16.02 -10.54
N PHE B 255 -3.77 -16.41 -11.74
CA PHE B 255 -4.50 -16.15 -12.95
C PHE B 255 -5.54 -17.24 -13.24
N GLN B 256 -5.36 -18.45 -12.72
CA GLN B 256 -6.29 -19.55 -12.87
C GLN B 256 -6.65 -20.23 -11.55
N PRO B 257 -7.56 -19.66 -10.79
CA PRO B 257 -8.00 -20.24 -9.53
C PRO B 257 -8.51 -21.68 -9.64
N SER B 258 -8.88 -22.15 -10.83
CA SER B 258 -9.37 -23.52 -10.93
C SER B 258 -8.28 -24.49 -10.48
N PHE B 259 -7.01 -24.15 -10.68
CA PHE B 259 -5.90 -24.95 -10.21
C PHE B 259 -5.98 -25.21 -8.71
N LEU B 260 -6.74 -24.42 -7.98
CA LEU B 260 -6.83 -24.66 -6.54
C LEU B 260 -8.23 -25.17 -6.23
N GLY B 261 -8.94 -25.55 -7.28
CA GLY B 261 -10.31 -26.00 -7.12
C GLY B 261 -11.21 -24.83 -6.76
N MET B 262 -10.84 -23.61 -7.17
CA MET B 262 -11.68 -22.45 -6.91
C MET B 262 -12.43 -21.98 -8.18
N GLU B 263 -13.69 -21.58 -8.02
CA GLU B 263 -14.54 -21.13 -9.10
C GLU B 263 -14.42 -19.66 -9.45
N SER B 264 -13.62 -18.88 -8.74
CA SER B 264 -13.57 -17.45 -9.01
C SER B 264 -12.66 -17.02 -10.14
N ALA B 265 -12.83 -15.75 -10.49
CA ALA B 265 -12.02 -15.07 -11.49
C ALA B 265 -10.60 -14.87 -10.94
N GLY B 266 -9.60 -14.85 -11.80
CA GLY B 266 -8.22 -14.62 -11.39
C GLY B 266 -7.93 -13.15 -11.17
N ILE B 267 -6.77 -12.80 -10.66
CA ILE B 267 -6.45 -11.40 -10.38
C ILE B 267 -6.64 -10.48 -11.57
N HIS B 268 -6.33 -10.87 -12.79
CA HIS B 268 -6.50 -10.00 -13.96
C HIS B 268 -7.94 -9.62 -14.25
N GLU B 269 -8.85 -10.56 -14.23
CA GLU B 269 -10.27 -10.39 -14.46
C GLU B 269 -10.92 -9.74 -13.26
N THR B 270 -10.47 -9.98 -12.04
CA THR B 270 -11.01 -9.24 -10.89
C THR B 270 -10.66 -7.76 -11.00
N THR B 271 -9.45 -7.43 -11.46
CA THR B 271 -9.03 -6.06 -11.62
C THR B 271 -9.93 -5.37 -12.66
N TYR B 272 -10.14 -6.07 -13.79
CA TYR B 272 -11.05 -5.68 -14.84
C TYR B 272 -12.46 -5.50 -14.29
N ASN B 273 -12.98 -6.45 -13.53
CA ASN B 273 -14.34 -6.27 -13.00
C ASN B 273 -14.45 -5.02 -12.14
N SER B 274 -13.49 -4.72 -11.26
CA SER B 274 -13.51 -3.48 -10.47
C SER B 274 -13.55 -2.21 -11.31
N ILE B 275 -12.67 -2.16 -12.32
CA ILE B 275 -12.68 -1.03 -13.23
C ILE B 275 -14.06 -0.86 -13.89
N MET B 276 -14.69 -1.93 -14.39
CA MET B 276 -15.98 -1.82 -15.06
C MET B 276 -17.10 -1.45 -14.09
N LYS B 277 -16.87 -1.52 -12.78
CA LYS B 277 -17.91 -1.11 -11.83
C LYS B 277 -17.81 0.41 -11.61
N CYS B 278 -16.77 1.07 -12.06
CA CYS B 278 -16.64 2.50 -11.82
C CYS B 278 -17.21 3.33 -12.97
N ASP B 279 -17.46 4.60 -12.70
CA ASP B 279 -17.94 5.51 -13.72
C ASP B 279 -17.07 5.39 -14.98
N VAL B 280 -17.76 5.23 -16.11
CA VAL B 280 -17.07 5.12 -17.39
C VAL B 280 -16.07 6.25 -17.52
N ASP B 281 -16.32 7.45 -17.01
CA ASP B 281 -15.37 8.54 -17.19
C ASP B 281 -14.07 8.41 -16.41
N ILE B 282 -13.96 7.53 -15.40
CA ILE B 282 -12.61 7.47 -14.81
C ILE B 282 -11.86 6.24 -15.27
N ARG B 283 -12.47 5.34 -16.06
CA ARG B 283 -11.85 4.07 -16.39
C ARG B 283 -10.47 4.22 -17.04
N LYS B 284 -10.35 5.20 -17.92
CA LYS B 284 -9.07 5.44 -18.57
C LYS B 284 -7.98 5.67 -17.53
N ASP B 285 -8.30 6.39 -16.45
CA ASP B 285 -7.30 6.68 -15.43
C ASP B 285 -7.01 5.48 -14.54
N LEU B 286 -7.94 4.54 -14.48
CA LEU B 286 -7.69 3.31 -13.70
C LEU B 286 -6.77 2.39 -14.49
N TYR B 287 -7.13 2.11 -15.74
CA TYR B 287 -6.33 1.26 -16.61
C TYR B 287 -4.89 1.73 -16.78
N GLY B 288 -4.71 3.06 -16.81
CA GLY B 288 -3.37 3.62 -16.97
C GLY B 288 -2.63 3.78 -15.64
N ASN B 289 -3.16 3.26 -14.53
CA ASN B 289 -2.57 3.38 -13.21
C ASN B 289 -2.91 2.16 -12.34
N VAL B 290 -2.53 0.96 -12.82
CA VAL B 290 -2.74 -0.28 -12.10
C VAL B 290 -1.49 -0.51 -11.21
N VAL B 291 -1.64 -0.27 -9.90
CA VAL B 291 -0.50 -0.36 -8.99
C VAL B 291 -0.46 -1.72 -8.33
N LEU B 292 0.65 -2.46 -8.46
CA LEU B 292 0.65 -3.78 -7.76
C LEU B 292 1.25 -3.58 -6.37
N SER B 293 0.71 -4.27 -5.38
CA SER B 293 1.32 -4.05 -4.02
C SER B 293 1.24 -5.33 -3.22
N GLY B 294 2.07 -5.52 -2.22
CA GLY B 294 2.00 -6.76 -1.39
C GLY B 294 3.04 -7.80 -1.77
N GLY B 295 3.35 -8.67 -0.83
CA GLY B 295 4.34 -9.73 -1.02
C GLY B 295 4.03 -10.71 -2.14
N THR B 296 2.78 -11.11 -2.35
CA THR B 296 2.40 -12.03 -3.42
C THR B 296 2.53 -11.37 -4.78
N THR B 297 2.91 -10.07 -4.86
CA THR B 297 3.06 -9.48 -6.19
C THR B 297 4.53 -9.45 -6.55
N MET B 298 5.33 -10.15 -5.73
CA MET B 298 6.78 -10.11 -5.91
C MET B 298 7.26 -11.17 -6.90
N PHE B 299 6.38 -12.06 -7.35
CA PHE B 299 6.83 -12.97 -8.40
C PHE B 299 7.36 -12.23 -9.62
N PRO B 300 8.54 -12.64 -10.05
CA PRO B 300 9.12 -12.15 -11.31
C PRO B 300 8.13 -12.40 -12.44
N GLY B 301 8.02 -11.50 -13.41
CA GLY B 301 7.06 -11.71 -14.49
C GLY B 301 5.62 -11.29 -14.18
N ILE B 302 5.22 -10.98 -12.94
CA ILE B 302 3.79 -10.71 -12.71
C ILE B 302 3.27 -9.46 -13.39
N ALA B 303 4.03 -8.39 -13.52
CA ALA B 303 3.67 -7.13 -14.11
C ALA B 303 3.41 -7.34 -15.61
N ASP B 304 4.35 -8.03 -16.26
CA ASP B 304 4.24 -8.30 -17.69
C ASP B 304 2.99 -9.12 -18.00
N ARG B 305 2.69 -10.07 -17.14
CA ARG B 305 1.50 -10.88 -17.34
C ARG B 305 0.23 -10.10 -17.07
N MET B 306 0.26 -9.22 -16.05
CA MET B 306 -0.93 -8.43 -15.75
C MET B 306 -1.16 -7.50 -16.95
N ASN B 307 -0.10 -6.97 -17.53
CA ASN B 307 -0.17 -6.08 -18.65
C ASN B 307 -0.81 -6.82 -19.83
N LYS B 308 -0.31 -8.00 -20.12
CA LYS B 308 -0.82 -8.80 -21.22
C LYS B 308 -2.28 -9.15 -20.97
N GLU B 309 -2.60 -9.67 -19.77
CA GLU B 309 -4.00 -10.04 -19.55
C GLU B 309 -4.95 -8.85 -19.56
N LEU B 310 -4.55 -7.68 -19.01
CA LEU B 310 -5.48 -6.56 -19.06
C LEU B 310 -5.60 -6.00 -20.48
N THR B 311 -4.48 -5.93 -21.19
CA THR B 311 -4.53 -5.51 -22.59
C THR B 311 -5.53 -6.39 -23.36
N ALA B 312 -5.72 -7.66 -23.01
CA ALA B 312 -6.63 -8.51 -23.78
C ALA B 312 -8.07 -8.29 -23.39
N LEU B 313 -8.32 -7.83 -22.17
CA LEU B 313 -9.70 -7.61 -21.73
C LEU B 313 -10.26 -6.27 -22.19
N ALA B 314 -9.47 -5.24 -22.26
CA ALA B 314 -9.83 -3.87 -22.59
C ALA B 314 -9.77 -3.58 -24.09
N PRO B 315 -10.47 -2.56 -24.56
CA PRO B 315 -10.43 -2.22 -25.98
C PRO B 315 -8.99 -1.98 -26.40
N SER B 316 -8.61 -2.49 -27.56
CA SER B 316 -7.23 -2.36 -28.00
C SER B 316 -6.65 -0.97 -27.91
N THR B 317 -7.42 0.11 -27.92
CA THR B 317 -6.84 1.46 -27.96
C THR B 317 -6.57 1.99 -26.55
N MET B 318 -7.05 1.23 -25.57
CA MET B 318 -6.92 1.66 -24.18
C MET B 318 -5.45 1.54 -23.73
N LYS B 319 -4.91 2.61 -23.17
CA LYS B 319 -3.54 2.56 -22.72
C LYS B 319 -3.46 1.88 -21.34
N ILE B 320 -2.77 0.76 -21.21
CA ILE B 320 -2.60 0.00 -19.98
C ILE B 320 -1.25 0.29 -19.34
N LYS B 321 -1.20 0.56 -18.04
CA LYS B 321 0.11 0.75 -17.41
C LYS B 321 0.15 0.00 -16.10
N ILE B 322 1.04 -0.98 -15.95
CA ILE B 322 1.15 -1.74 -14.70
C ILE B 322 2.33 -1.14 -13.94
N ILE B 323 2.11 -0.69 -12.72
CA ILE B 323 3.18 -0.12 -11.92
C ILE B 323 3.48 -1.12 -10.80
N ALA B 324 4.68 -1.63 -10.74
CA ALA B 324 5.09 -2.67 -9.79
C ALA B 324 6.42 -2.28 -9.17
N PRO B 325 6.40 -1.34 -8.24
CA PRO B 325 7.63 -0.87 -7.63
C PRO B 325 8.42 -2.02 -6.99
N PRO B 326 9.73 -2.00 -7.06
CA PRO B 326 10.61 -2.98 -6.41
C PRO B 326 10.36 -3.06 -4.92
N GLU B 327 9.97 -1.94 -4.28
CA GLU B 327 9.64 -2.00 -2.87
C GLU B 327 8.18 -2.31 -2.53
N ARG B 328 7.39 -2.84 -3.44
CA ARG B 328 5.97 -3.07 -3.16
C ARG B 328 5.67 -3.98 -1.98
N LYS B 329 6.61 -4.82 -1.53
CA LYS B 329 6.32 -5.57 -0.30
C LYS B 329 5.98 -4.61 0.83
N TYR B 330 6.60 -3.46 0.88
CA TYR B 330 6.41 -2.49 1.95
C TYR B 330 5.71 -1.18 1.54
N SER B 331 5.05 -1.16 0.39
CA SER B 331 4.37 0.04 -0.08
C SER B 331 3.37 0.59 0.93
N VAL B 332 2.55 -0.32 1.48
CA VAL B 332 1.58 0.14 2.47
C VAL B 332 2.34 0.86 3.60
N TRP B 333 3.40 0.20 4.11
CA TRP B 333 4.08 0.80 5.25
C TRP B 333 4.65 2.14 4.77
N ILE B 334 5.32 2.22 3.63
CA ILE B 334 5.92 3.49 3.20
C ILE B 334 4.89 4.60 3.06
N GLY B 335 3.72 4.29 2.51
CA GLY B 335 2.67 5.31 2.40
C GLY B 335 2.36 5.82 3.81
N GLY B 336 2.19 4.90 4.76
CA GLY B 336 1.85 5.32 6.12
C GLY B 336 2.92 6.26 6.67
N SER B 337 4.18 5.93 6.46
CA SER B 337 5.31 6.73 6.92
C SER B 337 5.26 8.13 6.34
N ILE B 338 4.96 8.24 5.04
CA ILE B 338 4.92 9.56 4.39
C ILE B 338 3.74 10.35 4.97
N LEU B 339 2.57 9.72 5.03
CA LEU B 339 1.37 10.42 5.50
C LEU B 339 1.55 10.96 6.92
N ALA B 340 1.97 10.08 7.83
CA ALA B 340 2.19 10.47 9.22
C ALA B 340 3.28 11.52 9.34
N SER B 341 4.20 11.68 8.37
CA SER B 341 5.26 12.67 8.51
C SER B 341 4.87 14.08 8.06
N LEU B 342 3.73 14.22 7.39
CA LEU B 342 3.36 15.51 6.83
C LEU B 342 3.08 16.59 7.87
N SER B 343 3.50 17.81 7.51
CA SER B 343 3.24 18.94 8.39
C SER B 343 1.75 19.14 8.58
N THR B 344 0.92 18.71 7.64
CA THR B 344 -0.53 18.90 7.66
C THR B 344 -1.28 17.73 8.24
N PHE B 345 -0.58 16.81 8.89
CA PHE B 345 -1.24 15.63 9.37
C PHE B 345 -1.69 15.75 10.81
N GLN B 346 -1.00 16.61 11.53
CA GLN B 346 -1.19 16.94 12.92
C GLN B 346 -2.67 17.01 13.28
N GLN B 347 -3.43 17.61 12.41
CA GLN B 347 -4.83 17.90 12.41
C GLN B 347 -5.71 16.71 12.09
N MET B 348 -5.18 15.73 11.39
CA MET B 348 -5.95 14.54 11.02
C MET B 348 -6.02 13.48 12.11
N TRP B 349 -5.09 13.39 13.05
CA TRP B 349 -5.15 12.37 14.08
C TRP B 349 -6.44 12.47 14.91
N ILE B 350 -6.84 11.35 15.47
CA ILE B 350 -7.82 11.32 16.53
C ILE B 350 -6.99 11.52 17.83
N SER B 351 -7.17 12.59 18.55
CA SER B 351 -6.47 12.86 19.79
C SER B 351 -7.15 12.18 20.97
N LYS B 352 -6.44 12.01 22.08
CA LYS B 352 -7.05 11.43 23.27
C LYS B 352 -8.25 12.25 23.70
N GLU B 353 -8.13 13.56 23.49
CA GLU B 353 -9.25 14.47 23.83
C GLU B 353 -10.46 14.14 22.97
N GLU B 354 -10.31 13.95 21.65
CA GLU B 354 -11.49 13.53 20.89
C GLU B 354 -12.05 12.20 21.40
N TYR B 355 -11.16 11.22 21.65
CA TYR B 355 -11.61 9.92 22.12
C TYR B 355 -12.38 10.07 23.43
N ASP B 356 -11.87 10.83 24.39
CA ASP B 356 -12.59 10.95 25.67
C ASP B 356 -13.94 11.63 25.49
N GLU B 357 -14.15 12.48 24.52
CA GLU B 357 -15.46 13.03 24.24
C GLU B 357 -16.38 12.07 23.49
N SER B 358 -15.94 11.44 22.39
CA SER B 358 -16.94 10.62 21.68
C SER B 358 -16.82 9.12 21.83
N GLY B 359 -15.73 8.62 22.40
CA GLY B 359 -15.66 7.14 22.39
C GLY B 359 -15.22 6.63 21.01
N PRO B 360 -15.24 5.30 20.89
CA PRO B 360 -14.70 4.62 19.71
C PRO B 360 -15.34 4.99 18.39
N SER B 361 -16.57 5.47 18.40
CA SER B 361 -17.25 5.79 17.14
C SER B 361 -16.73 7.02 16.46
N ILE B 362 -15.80 7.71 17.13
CA ILE B 362 -15.16 8.88 16.53
C ILE B 362 -14.42 8.47 15.26
N VAL B 363 -14.06 7.17 15.17
CA VAL B 363 -13.26 6.65 14.09
C VAL B 363 -13.99 6.73 12.73
N HIS B 364 -15.30 6.64 12.71
CA HIS B 364 -16.09 6.73 11.48
C HIS B 364 -16.21 8.15 10.96
N ARG B 365 -15.84 9.12 11.80
CA ARG B 365 -15.92 10.50 11.32
C ARG B 365 -14.53 11.02 10.99
N LYS B 366 -13.53 10.58 11.70
CA LYS B 366 -12.15 11.02 11.52
C LYS B 366 -11.32 10.26 10.49
N CYS B 367 -11.59 8.98 10.26
CA CYS B 367 -10.79 8.19 9.33
C CYS B 367 -11.64 7.62 8.23
N PHE B 368 -11.62 8.20 7.04
CA PHE B 368 -12.34 7.66 5.90
C PHE B 368 -11.42 7.61 4.69
#